data_3RP6
#
_entry.id   3RP6
#
_cell.length_a   66.650
_cell.length_b   67.646
_cell.length_c   82.011
_cell.angle_alpha   90.000
_cell.angle_beta   90.000
_cell.angle_gamma   90.000
#
_symmetry.space_group_name_H-M   'P 21 21 21'
#
loop_
_entity.id
_entity.type
_entity.pdbx_description
1 polymer 'flavoprotein monooxygenase'
2 non-polymer 'FLAVIN-ADENINE DINUCLEOTIDE'
3 water water
#
_entity_poly.entity_id   1
_entity_poly.type   'polypeptide(L)'
_entity_poly.pdbx_seq_one_letter_code
;(MSE)GSDKIHHHHHHSSGENLYFQGH(MSE)KAIVIGAGIGGLSAAVALKQSGIDCDVYEAVKEIKPVGAAISVWPNGV
KC(MSE)AHLG(MSE)GDI(MSE)ETFGGPLRR(MSE)AYRDFRSGEN(MSE)TQFSLAPLIERTGSRPCPVSRAELQRE
(MSE)LDYWGRDSVQFGKRVTRCEEDADGVTVWFTDGSSASGDLLIAADGSHSALRPWVLGFTPQRRYAGYVNWNGLVEI
DEALAPGDQWTTFVGEGKRVSL(MSE)PVSAGRFYFFFDVPLPAGLAEDRDTLRADLSRYFAGWAPPVQKLIAALDPQTT
NRIEIHDIEPFSRLVRGRVALLGDAGHSTTPDIGQGGCAA(MSE)EDAVVLGAVFRQTRDIAAALREYEAQRCDRVRDLV
LKARKRCDITHGKD(MSE)QLTEAWYQELREETGERIING(MSE)CDTILSGPLG
;
_entity_poly.pdbx_strand_id   A
#
loop_
_chem_comp.id
_chem_comp.type
_chem_comp.name
_chem_comp.formula
FAD non-polymer 'FLAVIN-ADENINE DINUCLEOTIDE' 'C27 H33 N9 O15 P2'
#
# COMPACT_ATOMS: atom_id res chain seq x y z
N SER A 13 39.18 3.61 12.93
CA SER A 13 38.54 2.91 14.05
C SER A 13 37.42 3.73 14.69
N SER A 14 37.49 3.86 16.01
CA SER A 14 36.49 4.57 16.80
C SER A 14 36.43 6.08 16.51
N GLY A 15 37.44 6.59 15.80
CA GLY A 15 37.48 8.00 15.47
C GLY A 15 37.07 8.32 14.04
N GLU A 16 36.57 7.31 13.33
CA GLU A 16 36.03 7.52 11.98
C GLU A 16 34.73 8.35 12.01
N ASN A 17 34.67 9.36 11.13
CA ASN A 17 33.51 10.24 11.03
C ASN A 17 32.49 9.69 10.03
N LEU A 18 31.34 9.24 10.55
CA LEU A 18 30.35 8.51 9.77
C LEU A 18 29.47 9.38 8.87
N TYR A 19 29.75 10.68 8.84
CA TYR A 19 29.01 11.57 7.94
C TYR A 19 29.64 11.63 6.56
N PHE A 20 30.93 11.33 6.45
CA PHE A 20 31.62 11.41 5.16
C PHE A 20 31.04 10.42 4.15
N GLN A 21 30.83 10.91 2.93
CA GLN A 21 30.33 10.07 1.85
C GLN A 21 31.17 8.80 1.77
N GLY A 22 30.52 7.65 1.93
CA GLY A 22 31.21 6.37 1.84
C GLY A 22 31.39 5.64 3.16
N HIS A 23 31.15 6.34 4.27
CA HIS A 23 31.36 5.75 5.59
C HIS A 23 30.10 5.10 6.15
N MSE A 24 28.98 5.35 5.49
CA MSE A 24 27.69 4.77 5.91
C MSE A 24 26.99 4.15 4.71
O MSE A 24 26.49 4.86 3.84
CB MSE A 24 26.80 5.86 6.50
CG MSE A 24 27.07 6.12 7.96
SE MSE A 24 26.18 4.79 9.09
CE MSE A 24 24.34 5.34 8.76
N LYS A 25 26.95 2.83 4.69
CA LYS A 25 26.28 2.12 3.61
C LYS A 25 25.02 1.44 4.14
N ALA A 26 23.88 1.77 3.54
CA ALA A 26 22.64 1.06 3.85
C ALA A 26 22.34 0.07 2.75
N ILE A 27 22.02 -1.14 3.13
CA ILE A 27 21.55 -2.14 2.19
C ILE A 27 20.02 -2.15 2.24
N VAL A 28 19.40 -1.85 1.10
CA VAL A 28 17.95 -1.89 0.99
C VAL A 28 17.50 -3.08 0.14
N ILE A 29 16.70 -3.95 0.75
CA ILE A 29 16.17 -5.13 0.08
C ILE A 29 14.70 -4.90 -0.33
N GLY A 30 14.44 -4.99 -1.62
CA GLY A 30 13.13 -4.68 -2.17
C GLY A 30 13.13 -3.36 -2.92
N ALA A 31 12.69 -3.38 -4.17
CA ALA A 31 12.61 -2.16 -4.96
C ALA A 31 11.16 -1.80 -5.26
N GLY A 32 10.27 -2.13 -4.34
CA GLY A 32 8.89 -1.69 -4.42
C GLY A 32 8.73 -0.32 -3.78
N ILE A 33 7.49 0.05 -3.46
CA ILE A 33 7.21 1.36 -2.90
C ILE A 33 8.07 1.66 -1.68
N GLY A 34 8.11 0.71 -0.74
CA GLY A 34 8.87 0.90 0.48
C GLY A 34 10.36 0.98 0.24
N GLY A 35 10.90 0.03 -0.53
CA GLY A 35 12.33 -0.01 -0.76
C GLY A 35 12.85 1.27 -1.40
N LEU A 36 12.16 1.73 -2.43
CA LEU A 36 12.58 2.92 -3.15
C LEU A 36 12.34 4.18 -2.33
N SER A 37 11.18 4.26 -1.68
CA SER A 37 10.96 5.36 -0.74
C SER A 37 12.08 5.39 0.29
N ALA A 38 12.41 4.23 0.84
CA ALA A 38 13.41 4.17 1.90
C ALA A 38 14.77 4.65 1.42
N ALA A 39 15.20 4.16 0.26
CA ALA A 39 16.50 4.52 -0.28
C ALA A 39 16.57 6.03 -0.53
N VAL A 40 15.44 6.61 -0.95
CA VAL A 40 15.43 8.04 -1.26
C VAL A 40 15.58 8.86 0.04
N ALA A 41 14.89 8.42 1.08
CA ALA A 41 14.92 9.10 2.37
C ALA A 41 16.30 9.03 2.98
N LEU A 42 16.92 7.85 2.90
CA LEU A 42 18.24 7.69 3.49
C LEU A 42 19.24 8.57 2.75
N LYS A 43 19.16 8.56 1.42
CA LYS A 43 20.03 9.40 0.60
C LYS A 43 19.86 10.89 0.93
N GLN A 44 18.63 11.34 1.13
CA GLN A 44 18.37 12.69 1.62
C GLN A 44 19.15 12.96 2.90
N SER A 45 19.22 11.97 3.78
CA SER A 45 19.91 12.12 5.06
C SER A 45 21.42 11.86 4.94
N GLY A 46 21.91 11.82 3.71
CA GLY A 46 23.33 11.66 3.45
C GLY A 46 23.86 10.25 3.62
N ILE A 47 23.00 9.26 3.43
CA ILE A 47 23.43 7.87 3.53
C ILE A 47 23.40 7.18 2.17
N ASP A 48 24.48 6.47 1.84
CA ASP A 48 24.56 5.75 0.58
C ASP A 48 23.78 4.44 0.69
N CYS A 49 22.90 4.20 -0.28
CA CYS A 49 22.13 2.97 -0.29
C CYS A 49 22.39 2.18 -1.56
N ASP A 50 22.57 0.86 -1.40
CA ASP A 50 22.50 -0.05 -2.53
C ASP A 50 21.17 -0.78 -2.45
N VAL A 51 20.40 -0.72 -3.52
CA VAL A 51 19.09 -1.34 -3.55
C VAL A 51 19.13 -2.68 -4.28
N TYR A 52 18.65 -3.72 -3.62
CA TYR A 52 18.61 -5.06 -4.17
C TYR A 52 17.16 -5.50 -4.37
N GLU A 53 16.89 -6.12 -5.52
CA GLU A 53 15.53 -6.54 -5.88
C GLU A 53 15.58 -7.96 -6.42
N ALA A 54 14.64 -8.79 -5.97
CA ALA A 54 14.63 -10.21 -6.33
C ALA A 54 14.32 -10.49 -7.81
N VAL A 55 13.30 -9.84 -8.36
CA VAL A 55 12.91 -10.14 -9.75
C VAL A 55 13.94 -9.58 -10.70
N LYS A 56 14.02 -10.15 -11.90
CA LYS A 56 14.90 -9.60 -12.92
C LYS A 56 14.17 -8.51 -13.69
N GLU A 57 12.84 -8.49 -13.53
CA GLU A 57 11.95 -7.69 -14.36
C GLU A 57 10.65 -7.33 -13.60
N ILE A 58 10.06 -6.19 -13.94
CA ILE A 58 9.00 -5.58 -13.11
C ILE A 58 7.56 -5.99 -13.43
N LYS A 59 6.72 -5.91 -12.40
CA LYS A 59 5.26 -6.08 -12.51
C LYS A 59 4.61 -6.07 -11.11
N ALA A 63 -2.60 -3.62 -9.91
CA ALA A 63 -3.31 -2.76 -10.84
C ALA A 63 -3.24 -1.29 -10.45
N ALA A 64 -3.62 -0.96 -9.22
CA ALA A 64 -3.58 0.43 -8.79
C ALA A 64 -3.69 0.58 -7.28
N ILE A 65 -3.23 1.73 -6.78
CA ILE A 65 -3.47 2.09 -5.40
C ILE A 65 -3.95 3.53 -5.31
N SER A 66 -4.72 3.84 -4.28
CA SER A 66 -5.06 5.23 -4.03
C SER A 66 -4.11 5.76 -2.97
N VAL A 67 -3.32 6.77 -3.33
CA VAL A 67 -2.39 7.35 -2.38
C VAL A 67 -3.08 8.52 -1.71
N TRP A 68 -3.46 8.33 -0.45
CA TRP A 68 -4.19 9.38 0.25
C TRP A 68 -3.26 10.52 0.61
N PRO A 69 -3.83 11.63 1.09
CA PRO A 69 -2.99 12.81 1.36
C PRO A 69 -1.82 12.54 2.31
N ASN A 70 -1.92 11.58 3.22
CA ASN A 70 -0.76 11.28 4.06
C ASN A 70 0.41 10.72 3.23
N GLY A 71 0.09 9.80 2.33
CA GLY A 71 1.10 9.26 1.41
C GLY A 71 1.62 10.32 0.46
N VAL A 72 0.75 11.23 0.02
CA VAL A 72 1.16 12.26 -0.93
C VAL A 72 2.17 13.21 -0.31
N LYS A 73 1.85 13.70 0.88
CA LYS A 73 2.76 14.60 1.59
C LYS A 73 4.11 13.93 1.83
N CYS A 74 4.08 12.65 2.21
CA CYS A 74 5.31 11.89 2.32
C CYS A 74 6.07 11.90 0.99
N MSE A 75 5.38 11.63 -0.11
CA MSE A 75 6.04 11.64 -1.42
C MSE A 75 6.65 13.01 -1.70
O MSE A 75 7.76 13.11 -2.20
CB MSE A 75 5.08 11.24 -2.54
CG MSE A 75 4.70 9.76 -2.53
SE MSE A 75 6.17 8.60 -3.07
CE MSE A 75 6.00 8.77 -5.03
N ALA A 76 5.91 14.07 -1.37
CA ALA A 76 6.39 15.44 -1.54
C ALA A 76 7.64 15.65 -0.70
N HIS A 77 7.56 15.26 0.56
CA HIS A 77 8.68 15.38 1.48
C HIS A 77 9.93 14.69 0.93
N LEU A 78 9.74 13.57 0.24
CA LEU A 78 10.86 12.79 -0.27
C LEU A 78 11.43 13.33 -1.59
N GLY A 79 10.80 14.36 -2.15
CA GLY A 79 11.27 14.96 -3.39
C GLY A 79 10.60 14.32 -4.59
N MSE A 80 9.50 13.62 -4.36
CA MSE A 80 8.84 12.84 -5.40
C MSE A 80 7.43 13.33 -5.66
O MSE A 80 6.63 12.66 -6.32
CB MSE A 80 8.85 11.34 -5.04
CG MSE A 80 10.23 10.69 -5.28
SE MSE A 80 10.26 8.71 -5.12
CE MSE A 80 9.94 8.63 -3.20
N GLY A 81 7.12 14.52 -5.16
CA GLY A 81 5.82 15.13 -5.35
C GLY A 81 5.37 15.28 -6.80
N ASP A 82 6.32 15.47 -7.71
CA ASP A 82 5.96 15.67 -9.11
C ASP A 82 5.32 14.42 -9.71
N ILE A 83 5.66 13.25 -9.18
CA ILE A 83 5.07 12.00 -9.67
C ILE A 83 3.60 11.90 -9.30
N MSE A 84 3.28 12.24 -8.05
CA MSE A 84 1.92 12.26 -7.58
C MSE A 84 1.11 13.26 -8.41
O MSE A 84 0.06 12.92 -8.95
CB MSE A 84 1.89 12.70 -6.11
CG MSE A 84 2.45 11.67 -5.15
SE MSE A 84 1.40 10.04 -5.25
CE MSE A 84 2.59 8.96 -6.36
N GLU A 85 1.61 14.48 -8.50
CA GLU A 85 0.91 15.53 -9.23
C GLU A 85 0.60 15.07 -10.66
N THR A 86 1.61 14.59 -11.35
CA THR A 86 1.50 14.19 -12.76
C THR A 86 0.58 12.98 -12.97
N PHE A 87 0.75 11.95 -12.16
CA PHE A 87 0.07 10.68 -12.43
C PHE A 87 -1.15 10.40 -11.55
N GLY A 88 -1.30 11.17 -10.48
CA GLY A 88 -2.49 11.04 -9.67
C GLY A 88 -3.72 11.30 -10.51
N GLY A 89 -4.67 10.36 -10.48
CA GLY A 89 -5.93 10.55 -11.16
C GLY A 89 -6.73 11.69 -10.52
N PRO A 90 -7.70 12.23 -11.26
CA PRO A 90 -8.52 13.34 -10.77
C PRO A 90 -9.61 12.85 -9.84
N LEU A 91 -9.28 12.68 -8.56
CA LEU A 91 -10.28 12.28 -7.56
C LEU A 91 -10.79 13.52 -6.86
N ARG A 92 -12.07 13.80 -7.00
CA ARG A 92 -12.65 15.01 -6.42
C ARG A 92 -13.85 14.71 -5.52
N ARG A 93 -14.58 13.65 -5.85
CA ARG A 93 -15.77 13.28 -5.10
C ARG A 93 -15.89 11.77 -5.02
N MSE A 94 -16.72 11.32 -4.08
CA MSE A 94 -17.02 9.90 -3.99
C MSE A 94 -18.50 9.67 -3.74
O MSE A 94 -19.21 10.52 -3.18
CB MSE A 94 -16.16 9.21 -2.93
CG MSE A 94 -16.44 9.66 -1.51
SE MSE A 94 -15.22 8.79 -0.24
CE MSE A 94 -15.97 7.00 -0.29
N ALA A 95 -18.97 8.51 -4.15
CA ALA A 95 -20.37 8.12 -3.94
C ALA A 95 -20.44 6.66 -3.56
N TYR A 96 -21.43 6.33 -2.74
CA TYR A 96 -21.80 4.94 -2.51
C TYR A 96 -23.15 4.74 -3.18
N ARG A 97 -23.32 3.61 -3.88
CA ARG A 97 -24.56 3.37 -4.60
C ARG A 97 -25.19 2.03 -4.23
N ASP A 98 -26.52 2.03 -4.11
CA ASP A 98 -27.26 0.79 -3.89
C ASP A 98 -26.96 -0.21 -5.01
N PHE A 99 -26.80 -1.47 -4.67
CA PHE A 99 -26.42 -2.46 -5.67
C PHE A 99 -27.54 -2.79 -6.67
N ARG A 100 -28.80 -2.69 -6.23
CA ARG A 100 -29.94 -3.05 -7.09
C ARG A 100 -30.31 -1.92 -8.04
N SER A 101 -30.61 -0.76 -7.48
CA SER A 101 -31.08 0.37 -8.27
C SER A 101 -29.92 1.10 -8.92
N GLY A 102 -28.74 1.03 -8.30
CA GLY A 102 -27.58 1.75 -8.76
C GLY A 102 -27.72 3.22 -8.44
N GLU A 103 -28.46 3.52 -7.38
CA GLU A 103 -28.77 4.89 -7.03
C GLU A 103 -27.91 5.38 -5.87
N ASN A 104 -27.73 6.68 -5.79
CA ASN A 104 -26.90 7.29 -4.76
C ASN A 104 -27.46 7.13 -3.34
N MSE A 105 -26.77 6.34 -2.52
CA MSE A 105 -27.08 6.26 -1.10
C MSE A 105 -26.49 7.48 -0.41
O MSE A 105 -27.09 8.06 0.49
CB MSE A 105 -26.48 4.99 -0.50
CG MSE A 105 -26.87 3.74 -1.26
SE MSE A 105 -25.79 2.20 -0.75
CE MSE A 105 -26.35 2.08 1.11
N THR A 106 -25.29 7.86 -0.83
CA THR A 106 -24.66 9.10 -0.40
C THR A 106 -23.69 9.56 -1.47
N GLN A 107 -23.44 10.86 -1.50
CA GLN A 107 -22.54 11.46 -2.48
C GLN A 107 -22.04 12.79 -1.95
N PHE A 108 -20.77 13.08 -2.16
CA PHE A 108 -20.16 14.29 -1.63
C PHE A 108 -18.77 14.51 -2.18
N SER A 109 -18.28 15.74 -2.05
CA SER A 109 -16.95 16.06 -2.57
C SER A 109 -15.90 15.87 -1.50
N LEU A 110 -14.66 15.73 -1.96
CA LEU A 110 -13.54 15.51 -1.07
C LEU A 110 -12.78 16.81 -0.82
N ALA A 111 -13.24 17.89 -1.43
CA ALA A 111 -12.57 19.18 -1.27
C ALA A 111 -12.25 19.48 0.20
N PRO A 112 -13.26 19.35 1.09
CA PRO A 112 -12.99 19.65 2.50
C PRO A 112 -11.87 18.78 3.08
N LEU A 113 -11.64 17.61 2.49
CA LEU A 113 -10.55 16.74 2.90
C LEU A 113 -9.21 17.30 2.44
N ILE A 114 -9.16 17.82 1.21
CA ILE A 114 -7.95 18.44 0.70
C ILE A 114 -7.55 19.65 1.56
N GLU A 115 -8.57 20.36 2.06
CA GLU A 115 -8.32 21.55 2.87
C GLU A 115 -7.82 21.22 4.28
N ARG A 116 -8.41 20.23 4.94
CA ARG A 116 -7.95 19.83 6.27
C ARG A 116 -6.59 19.10 6.25
N THR A 117 -6.30 18.38 5.17
CA THR A 117 -5.10 17.55 5.14
C THR A 117 -3.96 18.17 4.34
N GLY A 118 -4.28 19.18 3.53
CA GLY A 118 -3.26 19.89 2.78
C GLY A 118 -2.86 19.30 1.44
N SER A 119 -3.38 18.12 1.12
CA SER A 119 -3.05 17.51 -0.17
C SER A 119 -4.26 16.91 -0.87
N ARG A 120 -4.10 16.71 -2.17
CA ARG A 120 -5.11 16.04 -2.96
C ARG A 120 -4.83 14.53 -2.88
N PRO A 121 -5.89 13.71 -2.84
CA PRO A 121 -5.72 12.25 -2.93
C PRO A 121 -5.30 11.87 -4.34
N CYS A 122 -4.42 10.86 -4.48
CA CYS A 122 -3.84 10.56 -5.78
C CYS A 122 -3.87 9.08 -6.18
N PRO A 123 -4.99 8.63 -6.76
CA PRO A 123 -5.00 7.26 -7.30
C PRO A 123 -3.98 7.17 -8.42
N VAL A 124 -3.17 6.11 -8.43
CA VAL A 124 -2.16 5.94 -9.47
C VAL A 124 -2.08 4.48 -9.88
N SER A 125 -1.83 4.22 -11.15
CA SER A 125 -1.62 2.85 -11.57
C SER A 125 -0.36 2.34 -10.86
N ARG A 126 -0.35 1.08 -10.49
CA ARG A 126 0.76 0.54 -9.71
C ARG A 126 1.98 0.46 -10.62
N ALA A 127 1.72 0.24 -11.90
CA ALA A 127 2.77 0.10 -12.88
C ALA A 127 3.44 1.43 -13.18
N GLU A 128 2.66 2.49 -13.34
CA GLU A 128 3.23 3.82 -13.53
C GLU A 128 4.00 4.24 -12.28
N LEU A 129 3.42 4.03 -11.11
CA LEU A 129 4.07 4.42 -9.85
C LEU A 129 5.39 3.70 -9.68
N GLN A 130 5.40 2.42 -10.02
CA GLN A 130 6.61 1.61 -9.93
C GLN A 130 7.71 2.15 -10.83
N ARG A 131 7.37 2.38 -12.11
CA ARG A 131 8.32 2.88 -13.10
C ARG A 131 8.86 4.25 -12.75
N GLU A 132 7.99 5.17 -12.34
CA GLU A 132 8.40 6.53 -12.02
C GLU A 132 9.34 6.55 -10.82
N MSE A 133 9.10 5.68 -9.86
CA MSE A 133 9.93 5.66 -8.66
C MSE A 133 11.29 5.10 -9.01
O MSE A 133 12.32 5.62 -8.56
CB MSE A 133 9.27 4.87 -7.53
CG MSE A 133 8.06 5.59 -6.93
SE MSE A 133 7.29 4.69 -5.34
CE MSE A 133 8.84 4.88 -4.16
N LEU A 134 11.30 4.05 -9.82
CA LEU A 134 12.54 3.52 -10.39
C LEU A 134 13.29 4.59 -11.17
N ASP A 135 12.59 5.25 -12.09
CA ASP A 135 13.20 6.35 -12.86
C ASP A 135 13.83 7.37 -11.90
N TYR A 136 13.10 7.74 -10.84
CA TYR A 136 13.60 8.73 -9.89
C TYR A 136 14.85 8.27 -9.15
N TRP A 137 14.85 7.01 -8.71
CA TRP A 137 16.00 6.48 -8.03
C TRP A 137 17.11 6.12 -9.03
N GLY A 138 16.73 5.59 -10.19
CA GLY A 138 17.68 5.22 -11.22
C GLY A 138 17.94 3.72 -11.23
N ARG A 139 17.61 3.06 -12.34
CA ARG A 139 17.73 1.62 -12.42
C ARG A 139 19.17 1.16 -12.29
N ASP A 140 20.11 2.02 -12.64
CA ASP A 140 21.52 1.70 -12.58
C ASP A 140 21.95 1.42 -11.14
N SER A 141 21.24 2.01 -10.19
CA SER A 141 21.58 1.83 -8.77
C SER A 141 20.76 0.73 -8.10
N VAL A 142 20.01 -0.02 -8.89
CA VAL A 142 19.31 -1.18 -8.36
C VAL A 142 19.95 -2.43 -8.94
N GLN A 143 20.29 -3.39 -8.09
CA GLN A 143 20.72 -4.69 -8.59
C GLN A 143 19.56 -5.68 -8.59
N PHE A 144 19.18 -6.13 -9.78
CA PHE A 144 18.04 -7.03 -9.95
C PHE A 144 18.47 -8.49 -9.94
N GLY A 145 17.51 -9.40 -9.78
CA GLY A 145 17.82 -10.82 -9.67
C GLY A 145 18.55 -11.15 -8.38
N LYS A 146 18.38 -10.30 -7.38
CA LYS A 146 19.05 -10.51 -6.10
C LYS A 146 18.03 -10.78 -5.02
N ARG A 147 17.85 -12.07 -4.74
CA ARG A 147 16.83 -12.51 -3.80
C ARG A 147 17.48 -12.87 -2.48
N VAL A 148 17.25 -12.05 -1.47
CA VAL A 148 17.92 -12.25 -0.19
C VAL A 148 17.39 -13.51 0.48
N THR A 149 18.27 -14.25 1.15
CA THR A 149 17.87 -15.46 1.86
C THR A 149 18.10 -15.32 3.36
N ARG A 150 18.97 -14.41 3.75
CA ARG A 150 19.51 -14.45 5.09
C ARG A 150 20.32 -13.21 5.39
N CYS A 151 20.28 -12.76 6.64
CA CYS A 151 21.17 -11.70 7.11
C CYS A 151 21.82 -12.15 8.39
N GLU A 152 23.05 -11.72 8.60
CA GLU A 152 23.77 -11.97 9.84
C GLU A 152 24.38 -10.64 10.27
N GLU A 153 24.38 -10.35 11.55
CA GLU A 153 24.98 -9.11 12.01
C GLU A 153 26.03 -9.40 13.06
N ASP A 154 27.01 -8.52 13.17
CA ASP A 154 27.98 -8.63 14.25
C ASP A 154 28.32 -7.23 14.77
N ALA A 155 29.49 -7.10 15.39
CA ALA A 155 29.89 -5.84 16.00
C ALA A 155 30.08 -4.73 14.98
N ASP A 156 30.59 -5.10 13.80
CA ASP A 156 31.02 -4.12 12.80
C ASP A 156 29.97 -3.77 11.76
N GLY A 157 28.97 -4.63 11.60
CA GLY A 157 27.97 -4.42 10.57
C GLY A 157 27.07 -5.59 10.30
N VAL A 158 26.45 -5.59 9.12
CA VAL A 158 25.46 -6.58 8.78
C VAL A 158 25.78 -7.12 7.39
N THR A 159 25.43 -8.37 7.14
CA THR A 159 25.66 -8.97 5.83
C THR A 159 24.42 -9.73 5.39
N VAL A 160 24.13 -9.70 4.08
CA VAL A 160 23.06 -10.51 3.51
C VAL A 160 23.59 -11.44 2.43
N TRP A 161 22.91 -12.56 2.24
CA TRP A 161 23.23 -13.52 1.19
C TRP A 161 22.08 -13.58 0.19
N PHE A 162 22.41 -13.77 -1.08
CA PHE A 162 21.42 -13.86 -2.13
C PHE A 162 21.38 -15.28 -2.72
N THR A 163 20.25 -15.66 -3.29
CA THR A 163 20.14 -16.97 -3.90
C THR A 163 21.20 -17.22 -4.98
N ASP A 164 21.59 -16.17 -5.72
CA ASP A 164 22.58 -16.33 -6.80
C ASP A 164 24.00 -16.55 -6.26
N GLY A 165 24.13 -16.71 -4.95
CA GLY A 165 25.42 -17.04 -4.36
C GLY A 165 26.21 -15.82 -3.92
N SER A 166 25.80 -14.62 -4.36
CA SER A 166 26.52 -13.42 -3.93
C SER A 166 26.07 -12.95 -2.55
N SER A 167 26.79 -11.98 -2.02
CA SER A 167 26.44 -11.38 -0.74
C SER A 167 26.84 -9.92 -0.74
N ALA A 168 26.37 -9.18 0.26
CA ALA A 168 26.75 -7.79 0.40
C ALA A 168 26.72 -7.40 1.87
N SER A 169 27.59 -6.47 2.21
CA SER A 169 27.75 -6.05 3.59
C SER A 169 27.55 -4.55 3.71
N GLY A 170 26.96 -4.13 4.83
CA GLY A 170 26.77 -2.72 5.09
C GLY A 170 26.67 -2.41 6.56
N ASP A 171 26.34 -1.17 6.88
CA ASP A 171 26.18 -0.72 8.27
C ASP A 171 24.73 -0.85 8.71
N LEU A 172 23.83 -0.70 7.74
CA LEU A 172 22.40 -0.68 8.00
C LEU A 172 21.67 -1.57 6.98
N LEU A 173 20.69 -2.35 7.44
CA LEU A 173 19.92 -3.22 6.56
C LEU A 173 18.44 -2.82 6.59
N ILE A 174 17.89 -2.40 5.44
CA ILE A 174 16.46 -2.14 5.37
C ILE A 174 15.73 -3.29 4.68
N ALA A 175 14.90 -3.99 5.44
CA ALA A 175 14.13 -5.10 4.89
C ALA A 175 12.78 -4.60 4.37
N ALA A 176 12.73 -4.28 3.09
CA ALA A 176 11.51 -3.83 2.45
C ALA A 176 11.12 -4.92 1.44
N ASP A 177 11.14 -6.17 1.89
CA ASP A 177 10.98 -7.30 0.97
C ASP A 177 9.56 -7.86 0.89
N GLY A 178 8.57 -7.03 1.26
CA GLY A 178 7.19 -7.33 0.98
C GLY A 178 6.46 -8.20 1.99
N SER A 179 5.21 -8.52 1.67
CA SER A 179 4.35 -9.29 2.56
C SER A 179 4.91 -10.66 2.92
N HIS A 180 5.68 -11.26 2.00
CA HIS A 180 6.31 -12.56 2.25
C HIS A 180 7.79 -12.42 2.62
N SER A 181 8.12 -11.27 3.20
CA SER A 181 9.47 -10.98 3.65
C SER A 181 10.26 -12.21 4.13
N ALA A 182 11.40 -12.45 3.51
CA ALA A 182 12.32 -13.49 3.94
C ALA A 182 13.15 -13.08 5.18
N LEU A 183 13.34 -11.78 5.39
CA LEU A 183 14.15 -11.31 6.52
C LEU A 183 13.34 -11.19 7.80
N ARG A 184 12.05 -10.92 7.66
CA ARG A 184 11.15 -10.76 8.81
C ARG A 184 11.37 -11.79 9.93
N PRO A 185 11.48 -13.09 9.59
CA PRO A 185 11.64 -14.07 10.67
C PRO A 185 12.92 -13.88 11.49
N TRP A 186 13.96 -13.37 10.86
CA TRP A 186 15.22 -13.14 11.57
C TRP A 186 15.05 -11.98 12.53
N VAL A 187 14.32 -10.96 12.10
CA VAL A 187 14.06 -9.83 12.98
C VAL A 187 13.19 -10.24 14.16
N LEU A 188 12.14 -11.03 13.89
CA LEU A 188 11.16 -11.33 14.92
C LEU A 188 11.57 -12.48 15.84
N GLY A 189 12.27 -13.46 15.29
CA GLY A 189 12.59 -14.67 16.02
C GLY A 189 11.57 -15.77 15.76
N PHE A 190 10.54 -15.46 14.96
CA PHE A 190 9.59 -16.48 14.53
C PHE A 190 8.96 -16.09 13.18
N THR A 191 8.12 -16.97 12.65
CA THR A 191 7.56 -16.79 11.31
C THR A 191 6.04 -16.53 11.38
N PRO A 192 5.65 -15.25 11.32
CA PRO A 192 4.21 -14.98 11.35
C PRO A 192 3.57 -15.57 10.11
N GLN A 193 2.29 -15.94 10.18
CA GLN A 193 1.62 -16.51 9.03
C GLN A 193 0.50 -15.59 8.58
N ARG A 194 0.28 -15.54 7.27
CA ARG A 194 -0.81 -14.76 6.71
C ARG A 194 -2.16 -15.32 7.15
N ARG A 195 -3.06 -14.41 7.52
CA ARG A 195 -4.43 -14.77 7.88
C ARG A 195 -5.32 -14.45 6.69
N TYR A 196 -6.07 -15.44 6.20
CA TYR A 196 -7.01 -15.17 5.12
C TYR A 196 -8.11 -14.25 5.65
N ALA A 197 -8.37 -13.16 4.93
CA ALA A 197 -9.32 -12.15 5.39
C ALA A 197 -10.76 -12.51 5.06
N GLY A 198 -10.96 -13.54 4.24
CA GLY A 198 -12.29 -14.05 3.98
C GLY A 198 -12.96 -13.47 2.75
N TYR A 199 -12.19 -12.79 1.91
CA TYR A 199 -12.75 -12.29 0.67
C TYR A 199 -11.76 -12.25 -0.46
N VAL A 200 -12.30 -12.18 -1.67
CA VAL A 200 -11.48 -12.23 -2.87
C VAL A 200 -11.71 -10.94 -3.63
N ASN A 201 -10.62 -10.37 -4.10
CA ASN A 201 -10.65 -9.12 -4.84
C ASN A 201 -10.25 -9.37 -6.30
N TRP A 202 -11.05 -8.85 -7.23
CA TRP A 202 -10.71 -8.87 -8.65
C TRP A 202 -10.41 -7.43 -9.01
N ASN A 203 -9.25 -7.16 -9.59
CA ASN A 203 -8.92 -5.79 -9.91
C ASN A 203 -8.26 -5.59 -11.28
N GLY A 204 -8.39 -4.39 -11.81
CA GLY A 204 -7.86 -4.09 -13.12
C GLY A 204 -8.07 -2.65 -13.53
N LEU A 205 -7.86 -2.37 -14.80
CA LEU A 205 -8.05 -1.04 -15.33
C LEU A 205 -8.97 -1.10 -16.54
N VAL A 206 -9.84 -0.10 -16.69
CA VAL A 206 -10.57 0.10 -17.92
C VAL A 206 -10.61 1.58 -18.26
N GLU A 207 -10.82 1.88 -19.53
CA GLU A 207 -10.97 3.26 -19.97
C GLU A 207 -12.26 3.84 -19.36
N ILE A 208 -12.20 5.11 -18.96
CA ILE A 208 -13.37 5.78 -18.42
C ILE A 208 -14.54 5.74 -19.40
N ASP A 209 -15.74 5.56 -18.87
CA ASP A 209 -16.95 5.47 -19.67
C ASP A 209 -18.12 5.79 -18.74
N GLU A 210 -18.66 7.00 -18.85
CA GLU A 210 -19.69 7.47 -17.93
C GLU A 210 -20.99 6.65 -17.95
N ALA A 211 -21.01 5.58 -18.74
CA ALA A 211 -22.12 4.63 -18.69
C ALA A 211 -21.97 3.81 -17.41
N LEU A 212 -20.94 4.14 -16.63
CA LEU A 212 -20.63 3.49 -15.38
C LEU A 212 -20.67 4.51 -14.26
N ALA A 213 -19.70 5.43 -14.28
CA ALA A 213 -19.63 6.44 -13.23
C ALA A 213 -18.91 7.71 -13.69
N PRO A 214 -19.02 8.79 -12.91
CA PRO A 214 -18.30 10.03 -13.17
C PRO A 214 -16.77 9.83 -13.12
N GLY A 215 -16.08 10.42 -14.10
CA GLY A 215 -14.65 10.24 -14.26
C GLY A 215 -13.80 10.90 -13.19
N ASP A 216 -14.42 11.77 -12.39
CA ASP A 216 -13.71 12.47 -11.31
C ASP A 216 -14.14 11.94 -9.95
N GLN A 217 -14.82 10.81 -9.94
CA GLN A 217 -15.43 10.31 -8.71
C GLN A 217 -14.96 8.90 -8.36
N TRP A 218 -14.87 8.63 -7.07
CA TRP A 218 -14.68 7.27 -6.58
C TRP A 218 -16.05 6.68 -6.26
N THR A 219 -16.53 5.81 -7.14
CA THR A 219 -17.89 5.29 -7.03
C THR A 219 -17.88 3.83 -6.60
N THR A 220 -18.56 3.52 -5.51
CA THR A 220 -18.63 2.15 -5.03
C THR A 220 -20.07 1.65 -4.88
N PHE A 221 -20.39 0.55 -5.57
CA PHE A 221 -21.67 -0.10 -5.37
C PHE A 221 -21.53 -1.12 -4.24
N VAL A 222 -22.42 -1.06 -3.25
CA VAL A 222 -22.33 -1.94 -2.09
C VAL A 222 -23.58 -2.80 -1.90
N GLY A 223 -23.39 -4.01 -1.38
CA GLY A 223 -24.51 -4.87 -1.06
C GLY A 223 -24.09 -6.32 -0.94
N GLU A 224 -24.91 -7.10 -0.24
CA GLU A 224 -24.67 -8.55 -0.07
C GLU A 224 -23.26 -8.85 0.46
N GLY A 225 -22.66 -7.89 1.16
CA GLY A 225 -21.34 -8.10 1.72
C GLY A 225 -20.28 -7.99 0.64
N LYS A 226 -20.65 -7.36 -0.47
CA LYS A 226 -19.77 -7.21 -1.61
C LYS A 226 -19.66 -5.74 -1.94
N ARG A 227 -18.73 -5.41 -2.84
CA ARG A 227 -18.70 -4.08 -3.42
C ARG A 227 -18.06 -4.09 -4.79
N VAL A 228 -18.42 -3.11 -5.60
CA VAL A 228 -17.79 -2.88 -6.90
C VAL A 228 -17.38 -1.43 -6.94
N SER A 229 -16.11 -1.18 -7.23
CA SER A 229 -15.56 0.15 -7.07
C SER A 229 -14.88 0.69 -8.33
N LEU A 230 -15.00 1.99 -8.58
CA LEU A 230 -14.29 2.64 -9.66
C LEU A 230 -13.69 3.93 -9.17
N MSE A 231 -12.44 4.17 -9.54
CA MSE A 231 -11.84 5.46 -9.28
C MSE A 231 -10.86 5.78 -10.39
O MSE A 231 -10.20 4.87 -10.92
CB MSE A 231 -11.14 5.49 -7.92
CG MSE A 231 -9.77 4.84 -7.91
SE MSE A 231 -9.01 4.91 -6.11
CE MSE A 231 -10.46 5.83 -5.21
N PRO A 232 -10.76 7.06 -10.75
CA PRO A 232 -9.93 7.49 -11.87
C PRO A 232 -8.45 7.50 -11.53
N VAL A 233 -7.63 6.89 -12.39
CA VAL A 233 -6.20 7.14 -12.38
C VAL A 233 -5.88 8.11 -13.52
N SER A 234 -4.66 8.10 -13.99
CA SER A 234 -4.26 9.04 -15.04
C SER A 234 -4.67 8.52 -16.40
N ALA A 235 -4.54 9.38 -17.41
CA ALA A 235 -4.79 9.01 -18.81
C ALA A 235 -6.18 8.44 -19.10
N GLY A 236 -7.21 9.11 -18.59
CA GLY A 236 -8.58 8.69 -18.82
C GLY A 236 -8.81 7.21 -18.60
N ARG A 237 -8.75 6.79 -17.34
CA ARG A 237 -8.86 5.37 -17.01
C ARG A 237 -9.43 5.14 -15.63
N PHE A 238 -10.07 3.99 -15.48
CA PHE A 238 -10.63 3.59 -14.20
C PHE A 238 -9.85 2.44 -13.59
N TYR A 239 -9.48 2.61 -12.33
CA TYR A 239 -9.11 1.48 -11.50
C TYR A 239 -10.41 0.87 -10.98
N PHE A 240 -10.64 -0.40 -11.27
CA PHE A 240 -11.86 -1.04 -10.78
C PHE A 240 -11.50 -2.22 -9.91
N PHE A 241 -12.45 -2.60 -9.06
CA PHE A 241 -12.33 -3.86 -8.36
C PHE A 241 -13.67 -4.36 -7.82
N PHE A 242 -13.77 -5.68 -7.72
CA PHE A 242 -14.92 -6.34 -7.14
C PHE A 242 -14.44 -7.08 -5.88
N ASP A 243 -15.19 -6.95 -4.79
CA ASP A 243 -14.93 -7.77 -3.60
C ASP A 243 -16.06 -8.78 -3.42
N VAL A 244 -15.70 -10.03 -3.17
CA VAL A 244 -16.70 -11.02 -2.82
C VAL A 244 -16.22 -11.87 -1.66
N PRO A 245 -17.05 -11.99 -0.61
CA PRO A 245 -16.69 -12.90 0.49
C PRO A 245 -16.83 -14.36 0.06
N LEU A 246 -15.75 -15.10 0.25
CA LEU A 246 -15.67 -16.46 -0.25
C LEU A 246 -14.64 -17.23 0.54
N PRO A 247 -14.85 -18.55 0.62
CA PRO A 247 -13.80 -19.43 1.14
C PRO A 247 -12.57 -19.30 0.25
N ALA A 248 -11.38 -19.45 0.82
CA ALA A 248 -10.15 -19.42 0.03
C ALA A 248 -10.05 -20.72 -0.79
N GLY A 249 -9.39 -20.65 -1.94
CA GLY A 249 -9.06 -21.84 -2.70
C GLY A 249 -10.03 -22.28 -3.78
N LEU A 250 -10.98 -21.41 -4.14
CA LEU A 250 -11.92 -21.76 -5.20
C LEU A 250 -11.21 -21.91 -6.55
N ALA A 251 -11.61 -22.92 -7.31
CA ALA A 251 -11.03 -23.16 -8.64
C ALA A 251 -11.43 -22.07 -9.61
N GLU A 252 -10.71 -20.96 -9.57
CA GLU A 252 -11.06 -19.82 -10.41
C GLU A 252 -9.83 -19.01 -10.83
N ASP A 253 -9.71 -18.75 -12.13
CA ASP A 253 -8.61 -17.98 -12.68
C ASP A 253 -9.10 -16.97 -13.70
N ARG A 254 -8.23 -16.57 -14.63
CA ARG A 254 -8.58 -15.61 -15.66
C ARG A 254 -9.54 -16.19 -16.71
N ASP A 255 -9.52 -17.51 -16.86
CA ASP A 255 -10.37 -18.16 -17.87
C ASP A 255 -11.82 -18.35 -17.39
N THR A 256 -12.01 -18.45 -16.08
CA THR A 256 -13.35 -18.60 -15.49
C THR A 256 -13.89 -17.24 -15.03
N LEU A 257 -13.03 -16.23 -15.12
CA LEU A 257 -13.26 -14.90 -14.54
C LEU A 257 -14.61 -14.22 -14.84
N ARG A 258 -14.90 -13.92 -16.10
CA ARG A 258 -16.11 -13.13 -16.40
C ARG A 258 -17.38 -13.87 -15.99
N ALA A 259 -17.33 -15.20 -16.04
CA ALA A 259 -18.45 -16.03 -15.62
C ALA A 259 -18.64 -15.94 -14.10
N ASP A 260 -17.52 -15.95 -13.39
CA ASP A 260 -17.53 -15.87 -11.93
C ASP A 260 -18.17 -14.57 -11.50
N LEU A 261 -17.65 -13.47 -12.03
CA LEU A 261 -18.16 -12.14 -11.72
C LEU A 261 -19.63 -11.99 -12.11
N SER A 262 -19.99 -12.55 -13.26
CA SER A 262 -21.37 -12.46 -13.72
C SER A 262 -22.34 -13.10 -12.73
N ARG A 263 -21.97 -14.26 -12.19
CA ARG A 263 -22.84 -14.93 -11.22
C ARG A 263 -22.77 -14.30 -9.82
N TYR A 264 -21.57 -13.89 -9.39
CA TYR A 264 -21.43 -13.27 -8.06
C TYR A 264 -22.19 -11.96 -7.97
N PHE A 265 -22.35 -11.29 -9.11
CA PHE A 265 -23.03 -10.00 -9.14
C PHE A 265 -24.33 -10.01 -9.96
N ALA A 266 -24.93 -11.18 -10.10
CA ALA A 266 -26.23 -11.26 -10.75
C ALA A 266 -27.23 -10.33 -10.05
N GLY A 267 -27.94 -9.52 -10.83
CA GLY A 267 -28.99 -8.68 -10.29
C GLY A 267 -28.50 -7.28 -9.98
N TRP A 268 -27.19 -7.14 -9.86
CA TRP A 268 -26.56 -5.84 -9.63
C TRP A 268 -26.82 -4.86 -10.79
N ALA A 269 -26.91 -3.57 -10.45
CA ALA A 269 -27.26 -2.51 -11.40
C ALA A 269 -26.46 -2.54 -12.71
N PRO A 270 -27.12 -2.14 -13.82
CA PRO A 270 -26.56 -2.17 -15.18
C PRO A 270 -25.10 -1.75 -15.29
N PRO A 271 -24.71 -0.64 -14.62
CA PRO A 271 -23.31 -0.20 -14.69
C PRO A 271 -22.33 -1.32 -14.32
N VAL A 272 -22.66 -2.07 -13.27
CA VAL A 272 -21.85 -3.24 -12.88
C VAL A 272 -21.74 -4.25 -14.01
N GLN A 273 -22.87 -4.57 -14.63
CA GLN A 273 -22.88 -5.55 -15.74
C GLN A 273 -22.06 -5.04 -16.92
N LYS A 274 -22.18 -3.75 -17.19
CA LYS A 274 -21.40 -3.14 -18.27
C LYS A 274 -19.90 -3.23 -17.94
N LEU A 275 -19.57 -3.10 -16.66
CA LEU A 275 -18.19 -3.29 -16.21
C LEU A 275 -17.68 -4.71 -16.46
N ILE A 276 -18.50 -5.70 -16.14
CA ILE A 276 -18.08 -7.09 -16.34
C ILE A 276 -17.80 -7.34 -17.82
N ALA A 277 -18.65 -6.78 -18.68
CA ALA A 277 -18.45 -6.92 -20.12
C ALA A 277 -17.19 -6.19 -20.56
N ALA A 278 -17.01 -4.95 -20.09
CA ALA A 278 -15.89 -4.11 -20.52
C ALA A 278 -14.48 -4.62 -20.20
N LEU A 279 -14.30 -5.24 -19.04
CA LEU A 279 -12.95 -5.58 -18.58
C LEU A 279 -12.25 -6.67 -19.42
N ASP A 280 -10.94 -6.82 -19.23
CA ASP A 280 -10.18 -7.87 -19.90
C ASP A 280 -9.61 -8.85 -18.86
N PRO A 281 -10.11 -10.11 -18.87
CA PRO A 281 -9.72 -11.11 -17.88
C PRO A 281 -8.23 -11.40 -17.84
N GLN A 282 -7.56 -11.24 -18.97
CA GLN A 282 -6.15 -11.58 -19.09
C GLN A 282 -5.30 -10.52 -18.39
N THR A 283 -5.86 -9.33 -18.25
CA THR A 283 -5.18 -8.22 -17.58
C THR A 283 -5.75 -7.98 -16.19
N THR A 284 -6.80 -8.73 -15.85
CA THR A 284 -7.48 -8.57 -14.57
C THR A 284 -6.91 -9.51 -13.51
N ASN A 285 -6.74 -9.00 -12.30
CA ASN A 285 -6.12 -9.78 -11.23
C ASN A 285 -7.12 -10.35 -10.22
N ARG A 286 -6.90 -11.59 -9.79
CA ARG A 286 -7.73 -12.19 -8.75
C ARG A 286 -6.85 -12.50 -7.56
N ILE A 287 -7.08 -11.78 -6.47
CA ILE A 287 -6.28 -11.98 -5.28
C ILE A 287 -7.11 -12.28 -4.05
N GLU A 288 -6.70 -13.34 -3.36
CA GLU A 288 -7.31 -13.74 -2.10
C GLU A 288 -6.69 -12.88 -1.01
N ILE A 289 -7.52 -12.13 -0.31
CA ILE A 289 -6.99 -11.10 0.58
C ILE A 289 -6.54 -11.70 1.93
N HIS A 290 -5.33 -11.32 2.35
CA HIS A 290 -4.77 -11.72 3.65
C HIS A 290 -4.24 -10.51 4.42
N ASP A 291 -4.03 -10.68 5.71
CA ASP A 291 -3.24 -9.73 6.48
C ASP A 291 -2.46 -10.54 7.51
N ILE A 292 -1.71 -9.85 8.35
CA ILE A 292 -0.90 -10.53 9.34
C ILE A 292 -1.12 -9.84 10.66
N GLU A 293 -1.24 -10.61 11.73
CA GLU A 293 -1.37 -10.03 13.07
C GLU A 293 -0.21 -9.05 13.32
N PRO A 294 -0.51 -7.85 13.84
CA PRO A 294 0.56 -6.86 14.00
C PRO A 294 1.73 -7.37 14.87
N PHE A 295 2.95 -6.96 14.56
CA PHE A 295 4.13 -7.31 15.37
C PHE A 295 4.37 -6.20 16.37
N SER A 296 4.93 -6.55 17.52
CA SER A 296 5.32 -5.54 18.50
C SER A 296 6.80 -5.20 18.37
N ARG A 297 7.40 -5.59 17.24
CA ARG A 297 8.80 -5.28 16.95
C ARG A 297 8.99 -4.98 15.46
N LEU A 298 9.78 -3.96 15.14
CA LEU A 298 10.08 -3.65 13.75
C LEU A 298 11.58 -3.66 13.46
N VAL A 299 12.38 -3.69 14.50
CA VAL A 299 13.84 -3.61 14.32
C VAL A 299 14.58 -4.57 15.21
N ARG A 300 15.80 -4.88 14.77
CA ARG A 300 16.68 -5.76 15.52
C ARG A 300 18.10 -5.38 15.13
N GLY A 301 18.85 -4.87 16.10
CA GLY A 301 20.21 -4.42 15.85
C GLY A 301 20.28 -3.39 14.73
N ARG A 302 20.85 -3.79 13.59
CA ARG A 302 21.07 -2.89 12.48
C ARG A 302 20.01 -3.09 11.39
N VAL A 303 18.97 -3.86 11.71
CA VAL A 303 18.01 -4.29 10.70
C VAL A 303 16.62 -3.76 11.01
N ALA A 304 15.97 -3.15 10.02
CA ALA A 304 14.62 -2.65 10.21
C ALA A 304 13.69 -3.14 9.11
N LEU A 305 12.51 -3.62 9.51
CA LEU A 305 11.44 -3.95 8.59
C LEU A 305 10.81 -2.66 8.12
N LEU A 306 10.56 -2.57 6.83
CA LEU A 306 9.84 -1.43 6.29
C LEU A 306 8.74 -1.93 5.33
N GLY A 307 7.62 -1.23 5.30
CA GLY A 307 6.57 -1.56 4.34
C GLY A 307 5.82 -2.83 4.71
N ASP A 308 5.38 -3.60 3.71
CA ASP A 308 4.59 -4.79 3.96
C ASP A 308 5.39 -5.77 4.80
N ALA A 309 6.72 -5.72 4.67
CA ALA A 309 7.57 -6.55 5.49
C ALA A 309 7.30 -6.34 7.00
N GLY A 310 6.98 -5.11 7.38
CA GLY A 310 6.82 -4.75 8.78
C GLY A 310 5.37 -4.67 9.23
N HIS A 311 4.44 -4.76 8.28
CA HIS A 311 3.03 -4.67 8.60
C HIS A 311 2.22 -4.99 7.35
N SER A 312 1.42 -6.04 7.42
CA SER A 312 0.73 -6.51 6.23
C SER A 312 -0.79 -6.43 6.47
N THR A 313 -1.44 -5.53 5.73
CA THR A 313 -2.81 -5.12 6.00
C THR A 313 -3.70 -5.56 4.86
N THR A 314 -4.99 -5.77 5.14
CA THR A 314 -5.96 -5.79 4.06
C THR A 314 -5.95 -4.39 3.47
N PRO A 315 -6.28 -4.26 2.18
CA PRO A 315 -6.28 -2.99 1.45
C PRO A 315 -7.54 -2.14 1.68
N ASP A 316 -8.36 -2.52 2.65
CA ASP A 316 -9.67 -1.91 2.82
C ASP A 316 -9.75 -0.41 3.18
N ILE A 317 -8.70 0.18 3.75
CA ILE A 317 -8.72 1.64 3.89
C ILE A 317 -7.69 2.31 3.01
N GLY A 318 -7.08 1.52 2.13
CA GLY A 318 -6.13 2.05 1.17
C GLY A 318 -4.90 2.67 1.79
N GLN A 319 -4.31 2.00 2.78
CA GLN A 319 -3.16 2.58 3.48
C GLN A 319 -1.86 1.77 3.45
N GLY A 320 -1.84 0.62 2.76
CA GLY A 320 -0.63 -0.18 2.68
C GLY A 320 0.53 0.58 2.08
N GLY A 321 0.37 1.03 0.84
CA GLY A 321 1.37 1.82 0.13
C GLY A 321 1.69 3.12 0.86
N CYS A 322 0.65 3.82 1.32
CA CYS A 322 0.86 5.04 2.09
C CYS A 322 1.72 4.78 3.32
N ALA A 323 1.40 3.70 4.05
CA ALA A 323 2.13 3.39 5.28
C ALA A 323 3.61 3.18 4.99
N ALA A 324 3.91 2.56 3.85
CA ALA A 324 5.31 2.33 3.49
C ALA A 324 6.04 3.65 3.25
N MSE A 325 5.37 4.60 2.60
CA MSE A 325 5.92 5.93 2.38
C MSE A 325 6.12 6.63 3.71
O MSE A 325 7.14 7.31 3.91
CB MSE A 325 4.98 6.76 1.52
CG MSE A 325 4.69 6.10 0.19
SE MSE A 325 3.28 7.03 -0.83
CE MSE A 325 3.30 5.81 -2.35
N GLU A 326 5.16 6.50 4.61
CA GLU A 326 5.29 7.07 5.94
C GLU A 326 6.53 6.50 6.63
N ASP A 327 6.71 5.19 6.50
CA ASP A 327 7.82 4.50 7.14
C ASP A 327 9.13 5.13 6.70
N ALA A 328 9.22 5.38 5.40
CA ALA A 328 10.45 5.88 4.80
C ALA A 328 10.77 7.30 5.27
N VAL A 329 9.73 8.12 5.36
CA VAL A 329 9.91 9.49 5.86
C VAL A 329 10.51 9.45 7.26
N VAL A 330 9.94 8.62 8.14
CA VAL A 330 10.44 8.51 9.50
C VAL A 330 11.85 7.93 9.55
N LEU A 331 12.09 6.91 8.73
CA LEU A 331 13.43 6.34 8.60
C LEU A 331 14.46 7.43 8.33
N GLY A 332 14.25 8.20 7.26
CA GLY A 332 15.16 9.27 6.89
C GLY A 332 15.31 10.31 7.99
N ALA A 333 14.17 10.68 8.59
CA ALA A 333 14.14 11.69 9.64
C ALA A 333 15.01 11.30 10.85
N VAL A 334 14.94 10.05 11.28
CA VAL A 334 15.69 9.66 12.47
C VAL A 334 17.19 9.57 12.17
N PHE A 335 17.56 9.52 10.90
CA PHE A 335 18.98 9.49 10.54
C PHE A 335 19.49 10.88 10.15
N ARG A 336 18.62 11.88 10.16
CA ARG A 336 19.03 13.22 9.72
C ARG A 336 20.24 13.72 10.52
N GLN A 337 20.20 13.54 11.84
CA GLN A 337 21.26 14.11 12.66
C GLN A 337 21.83 13.16 13.72
N THR A 338 21.92 11.88 13.36
CA THR A 338 22.66 10.95 14.18
C THR A 338 23.23 9.84 13.31
N ARG A 339 24.23 9.16 13.83
CA ARG A 339 24.82 8.03 13.15
C ARG A 339 24.88 6.87 14.12
N ASP A 340 24.13 7.01 15.21
CA ASP A 340 23.93 5.93 16.13
C ASP A 340 22.79 5.03 15.59
N ILE A 341 23.17 4.01 14.84
CA ILE A 341 22.20 3.16 14.15
C ILE A 341 21.16 2.54 15.10
N ALA A 342 21.63 1.97 16.20
CA ALA A 342 20.76 1.29 17.14
C ALA A 342 19.71 2.22 17.75
N ALA A 343 20.13 3.45 18.06
CA ALA A 343 19.21 4.43 18.64
C ALA A 343 18.22 4.91 17.58
N ALA A 344 18.74 5.18 16.39
CA ALA A 344 17.90 5.64 15.29
C ALA A 344 16.80 4.61 14.99
N LEU A 345 17.14 3.33 14.97
CA LEU A 345 16.18 2.29 14.63
C LEU A 345 15.18 2.09 15.75
N ARG A 346 15.63 2.28 16.99
CA ARG A 346 14.71 2.22 18.12
C ARG A 346 13.67 3.34 18.02
N GLU A 347 14.11 4.53 17.65
CA GLU A 347 13.21 5.66 17.53
C GLU A 347 12.27 5.46 16.33
N TYR A 348 12.81 4.95 15.24
CA TYR A 348 11.99 4.57 14.09
C TYR A 348 10.87 3.63 14.51
N GLU A 349 11.25 2.57 15.22
CA GLU A 349 10.29 1.61 15.71
C GLU A 349 9.28 2.30 16.62
N ALA A 350 9.79 3.12 17.54
CA ALA A 350 8.94 3.85 18.48
C ALA A 350 7.85 4.63 17.76
N GLN A 351 8.23 5.32 16.69
CA GLN A 351 7.28 6.18 16.00
C GLN A 351 6.30 5.42 15.10
N ARG A 352 6.75 4.29 14.56
CA ARG A 352 5.96 3.59 13.55
C ARG A 352 5.06 2.51 14.10
N CYS A 353 5.50 1.84 15.17
CA CYS A 353 4.89 0.58 15.56
C CYS A 353 3.40 0.64 15.88
N ASP A 354 2.98 1.65 16.64
CA ASP A 354 1.57 1.78 17.01
C ASP A 354 0.74 2.27 15.83
N ARG A 355 1.37 3.11 15.01
CA ARG A 355 0.73 3.56 13.76
C ARG A 355 0.34 2.37 12.91
N VAL A 356 1.32 1.57 12.49
CA VAL A 356 1.03 0.50 11.55
C VAL A 356 0.16 -0.58 12.16
N ARG A 357 0.24 -0.76 13.48
CA ARG A 357 -0.66 -1.69 14.15
C ARG A 357 -2.09 -1.20 14.05
N ASP A 358 -2.30 0.09 14.31
CA ASP A 358 -3.64 0.65 14.18
C ASP A 358 -4.12 0.57 12.74
N LEU A 359 -3.23 0.81 11.78
CA LEU A 359 -3.66 0.76 10.39
C LEU A 359 -4.07 -0.67 10.00
N VAL A 360 -3.29 -1.65 10.43
CA VAL A 360 -3.65 -3.02 10.12
C VAL A 360 -4.99 -3.40 10.73
N LEU A 361 -5.23 -2.98 11.98
CA LEU A 361 -6.47 -3.33 12.70
C LEU A 361 -7.68 -2.57 12.20
N LYS A 362 -7.48 -1.30 11.88
CA LYS A 362 -8.54 -0.50 11.29
C LYS A 362 -8.97 -1.13 9.95
N ALA A 363 -8.00 -1.48 9.12
CA ALA A 363 -8.29 -2.14 7.85
C ALA A 363 -9.09 -3.42 8.07
N ARG A 364 -8.67 -4.22 9.04
CA ARG A 364 -9.33 -5.49 9.32
C ARG A 364 -10.80 -5.30 9.71
N LYS A 365 -11.06 -4.33 10.57
CA LYS A 365 -12.43 -4.06 11.02
C LYS A 365 -13.29 -3.54 9.87
N ARG A 366 -12.76 -2.58 9.11
CA ARG A 366 -13.48 -2.09 7.93
C ARG A 366 -13.84 -3.26 7.03
N CYS A 367 -12.87 -4.14 6.80
CA CYS A 367 -13.09 -5.34 6.01
C CYS A 367 -14.21 -6.23 6.56
N ASP A 368 -14.24 -6.43 7.88
CA ASP A 368 -15.26 -7.30 8.46
C ASP A 368 -16.66 -6.70 8.33
N ILE A 369 -16.72 -5.37 8.45
CA ILE A 369 -17.98 -4.66 8.28
C ILE A 369 -18.41 -4.65 6.82
N THR A 370 -17.46 -4.45 5.91
CA THR A 370 -17.83 -4.36 4.50
C THR A 370 -18.30 -5.67 3.87
N HIS A 371 -17.80 -6.80 4.39
CA HIS A 371 -17.98 -8.07 3.68
C HIS A 371 -18.88 -9.08 4.38
N GLY A 372 -19.67 -8.59 5.33
CA GLY A 372 -20.69 -9.43 5.93
C GLY A 372 -20.19 -10.46 6.92
N LYS A 373 -19.11 -10.19 7.63
CA LYS A 373 -18.74 -11.08 8.74
C LYS A 373 -19.98 -11.25 9.63
N ASP A 374 -20.55 -10.12 10.03
CA ASP A 374 -21.88 -10.14 10.67
C ASP A 374 -22.79 -9.35 9.75
N MSE A 375 -23.69 -10.06 9.07
CA MSE A 375 -24.45 -9.45 7.98
C MSE A 375 -25.32 -8.30 8.50
O MSE A 375 -25.62 -7.36 7.75
CB MSE A 375 -25.25 -10.50 7.20
CG MSE A 375 -25.85 -10.01 5.89
SE MSE A 375 -24.65 -9.06 4.64
CE MSE A 375 -24.11 -10.59 3.56
N GLN A 376 -25.68 -8.35 9.78
CA GLN A 376 -26.51 -7.30 10.38
C GLN A 376 -25.73 -6.01 10.61
N LEU A 377 -24.49 -6.12 11.07
CA LEU A 377 -23.61 -4.98 11.19
C LEU A 377 -23.34 -4.37 9.82
N THR A 378 -23.24 -5.24 8.81
CA THR A 378 -23.00 -4.78 7.44
C THR A 378 -24.23 -4.04 6.93
N GLU A 379 -25.41 -4.58 7.23
CA GLU A 379 -26.65 -3.88 6.86
C GLU A 379 -26.80 -2.57 7.65
N ALA A 380 -26.42 -2.57 8.92
CA ALA A 380 -26.46 -1.31 9.67
C ALA A 380 -25.56 -0.27 8.99
N TRP A 381 -24.42 -0.73 8.47
CA TRP A 381 -23.51 0.18 7.78
C TRP A 381 -24.12 0.71 6.49
N TYR A 382 -24.82 -0.14 5.76
CA TYR A 382 -25.55 0.33 4.57
C TYR A 382 -26.56 1.39 4.98
N GLN A 383 -27.25 1.12 6.10
CA GLN A 383 -28.24 2.05 6.65
C GLN A 383 -27.60 3.42 6.88
N GLU A 384 -26.41 3.44 7.48
CA GLU A 384 -25.72 4.72 7.74
C GLU A 384 -25.30 5.39 6.46
N LEU A 385 -25.04 4.60 5.41
CA LEU A 385 -24.65 5.18 4.13
C LEU A 385 -25.83 5.89 3.45
N ARG A 386 -27.04 5.43 3.74
CA ARG A 386 -28.24 6.09 3.21
C ARG A 386 -28.51 7.39 3.96
N GLU A 387 -28.09 7.44 5.22
CA GLU A 387 -28.31 8.61 6.06
C GLU A 387 -27.03 9.44 6.24
N GLU A 388 -26.09 9.29 5.31
CA GLU A 388 -24.78 9.95 5.41
C GLU A 388 -24.66 11.22 4.56
N THR A 389 -24.26 12.31 5.20
CA THR A 389 -24.03 13.58 4.51
C THR A 389 -22.66 13.59 3.84
N GLY A 390 -21.69 12.96 4.48
CA GLY A 390 -20.32 12.99 4.03
C GLY A 390 -19.42 13.46 5.15
N GLU A 391 -20.02 14.17 6.11
CA GLU A 391 -19.30 14.68 7.27
C GLU A 391 -18.61 13.56 8.05
N ARG A 392 -19.34 12.50 8.36
CA ARG A 392 -18.80 11.42 9.18
C ARG A 392 -17.66 10.67 8.47
N ILE A 393 -17.83 10.41 7.17
CA ILE A 393 -16.81 9.69 6.40
C ILE A 393 -15.55 10.53 6.26
N ILE A 394 -15.72 11.80 5.91
CA ILE A 394 -14.59 12.70 5.79
C ILE A 394 -13.84 12.82 7.12
N ASN A 395 -14.58 12.99 8.22
CA ASN A 395 -13.95 12.99 9.54
C ASN A 395 -13.12 11.72 9.76
N GLY A 396 -13.74 10.57 9.54
CA GLY A 396 -13.06 9.30 9.68
C GLY A 396 -11.80 9.21 8.83
N MSE A 397 -11.87 9.72 7.61
CA MSE A 397 -10.71 9.70 6.70
C MSE A 397 -9.59 10.61 7.20
O MSE A 397 -8.42 10.26 7.12
CB MSE A 397 -11.13 10.10 5.29
CG MSE A 397 -11.93 9.01 4.57
SE MSE A 397 -12.67 9.68 2.87
CE MSE A 397 -11.05 9.62 1.82
N CYS A 398 -9.99 11.78 7.71
CA CYS A 398 -9.03 12.76 8.19
C CYS A 398 -8.30 12.24 9.40
N ASP A 399 -9.03 11.51 10.25
CA ASP A 399 -8.42 10.87 11.42
C ASP A 399 -7.28 9.96 10.99
N THR A 400 -7.53 9.08 10.02
CA THR A 400 -6.50 8.15 9.56
C THR A 400 -5.31 8.92 8.96
N ILE A 401 -5.60 9.87 8.09
CA ILE A 401 -4.59 10.67 7.43
C ILE A 401 -3.76 11.54 8.39
N LEU A 402 -4.45 12.29 9.26
CA LEU A 402 -3.77 13.20 10.15
C LEU A 402 -2.99 12.48 11.24
N SER A 403 -3.27 11.19 11.42
CA SER A 403 -2.45 10.37 12.34
C SER A 403 -1.12 9.89 11.73
N GLY A 404 -0.83 10.27 10.48
CA GLY A 404 0.44 9.94 9.86
C GLY A 404 1.53 10.88 10.36
N PRO A 405 2.81 10.62 10.01
CA PRO A 405 3.95 11.30 10.64
C PRO A 405 4.06 12.77 10.27
N LEU A 406 3.51 13.17 9.13
CA LEU A 406 3.57 14.56 8.71
C LEU A 406 2.28 15.28 9.09
N GLY A 407 1.42 14.58 9.84
CA GLY A 407 0.17 15.17 10.30
C GLY A 407 -0.48 15.90 9.14
PA FAD B . 6.06 -4.81 -2.38
O1A FAD B . 5.46 -6.19 -2.36
O2A FAD B . 5.41 -3.90 -3.38
O5B FAD B . 7.63 -4.83 -2.66
C5B FAD B . 8.46 -5.85 -2.17
C4B FAD B . 9.59 -5.93 -3.19
O4B FAD B . 10.60 -6.78 -2.71
C3B FAD B . 9.09 -6.53 -4.48
O3B FAD B . 9.69 -5.85 -5.56
C2B FAD B . 9.58 -7.96 -4.42
O2B FAD B . 9.82 -8.43 -5.72
C1B FAD B . 10.87 -7.80 -3.65
N9A FAD B . 11.24 -9.00 -2.90
C8A FAD B . 10.40 -9.94 -2.33
N7A FAD B . 11.17 -10.85 -1.71
C5A FAD B . 12.48 -10.50 -1.86
C6A FAD B . 13.66 -11.08 -1.41
N6A FAD B . 13.64 -12.21 -0.69
N1A FAD B . 14.86 -10.48 -1.73
C2A FAD B . 14.90 -9.32 -2.48
N3A FAD B . 13.72 -8.74 -2.90
C4A FAD B . 12.53 -9.34 -2.60
N1 FAD B . -1.96 0.76 -0.55
C2 FAD B . -2.32 2.10 -0.52
O2 FAD B . -1.60 2.93 0.05
N3 FAD B . -3.48 2.52 -1.14
C4 FAD B . -4.28 1.60 -1.79
O4 FAD B . -5.33 1.95 -2.34
C4X FAD B . -3.93 0.25 -1.81
N5 FAD B . -4.75 -0.65 -2.45
C5X FAD B . -4.39 -1.99 -2.50
C6 FAD B . -5.22 -2.90 -3.16
C7 FAD B . -4.87 -4.25 -3.19
C7M FAD B . -5.76 -5.22 -3.89
C8 FAD B . -3.70 -4.68 -2.56
C8M FAD B . -3.33 -6.13 -2.61
C9 FAD B . -2.88 -3.77 -1.91
C9A FAD B . -3.22 -2.42 -1.88
N10 FAD B . -2.41 -1.51 -1.23
C10 FAD B . -2.76 -0.17 -1.19
C1' FAD B . -1.16 -1.97 -0.56
C2' FAD B . 0.11 -1.70 -1.39
O2' FAD B . -0.01 -2.32 -2.65
C3' FAD B . 1.28 -2.30 -0.63
O3' FAD B . 1.14 -1.99 0.74
C4' FAD B . 2.64 -1.81 -1.13
O4' FAD B . 2.91 -2.27 -2.44
C5' FAD B . 3.70 -2.38 -0.21
O5' FAD B . 4.95 -1.89 -0.63
P FAD B . 6.27 -2.75 -0.37
O1P FAD B . 6.49 -2.83 1.14
O2P FAD B . 7.44 -2.11 -1.09
O3P FAD B . 5.93 -4.25 -0.87
#